data_3ACX
#
_entry.id   3ACX
#
_cell.length_a   80.628
_cell.length_b   80.628
_cell.length_c   90.453
_cell.angle_alpha   90.00
_cell.angle_beta   90.00
_cell.angle_gamma   120.00
#
_symmetry.space_group_name_H-M   'P 32 2 1'
#
loop_
_entity.id
_entity.type
_entity.pdbx_description
1 polymer 'Dehydrosqualene synthase'
2 non-polymer N-(1-methylethyl)-3-[(3-prop-2-en-1-ylbiphenyl-4-yl)oxy]propan-1-amine
3 water water
#
_entity_poly.entity_id   1
_entity_poly.type   'polypeptide(L)'
_entity_poly.pdbx_seq_one_letter_code
;AAAAAAMTMMDMNFKYCHKIMKKHSKSFSYAFDLLPEDQRKAVWAIYAVCRKIDDSIDVYGDIQFLNQIKEDIQSIEKYP
YEYHHFQSDRRIMMALQHVAQHKNIAFQSFYNLIDTVYKDQHFTMFETDAELFGYCYGVAGTVGEVLTPILSDHETHQTY
DVARRLGESLQLINILRDVGEDFENERIYFSKQRLKQYEVDIAEVYQNGVNNHYIDLWEYYAAIAEKDFRDVMDQIKVFS
IEAQPIIELAARIYIEILDEVRQANYTLHERVFVEKRKKAKLFHEINSKYHRI
;
_entity_poly.pdbx_strand_id   A
#
# COMPACT_ATOMS: atom_id res chain seq x y z
N MET A 7 -21.24 16.18 -14.59
CA MET A 7 -19.80 15.92 -14.38
C MET A 7 -18.92 16.71 -15.36
N THR A 8 -17.90 17.36 -14.83
CA THR A 8 -16.88 17.97 -15.66
C THR A 8 -15.89 16.89 -16.13
N MET A 9 -15.07 17.24 -17.11
CA MET A 9 -13.99 16.36 -17.53
C MET A 9 -13.12 15.95 -16.38
N MET A 10 -12.75 16.91 -15.53
CA MET A 10 -11.89 16.56 -14.41
C MET A 10 -12.58 15.62 -13.43
N ASP A 11 -13.87 15.83 -13.19
CA ASP A 11 -14.62 14.90 -12.35
C ASP A 11 -14.54 13.49 -12.93
N MET A 12 -14.61 13.34 -14.25
CA MET A 12 -14.54 12.01 -14.85
C MET A 12 -13.19 11.36 -14.55
N ASN A 13 -12.13 12.16 -14.56
CA ASN A 13 -10.80 11.62 -14.26
C ASN A 13 -10.74 11.06 -12.84
N PHE A 14 -11.24 11.85 -11.89
CA PHE A 14 -11.22 11.41 -10.50
C PHE A 14 -12.16 10.23 -10.25
N LYS A 15 -13.30 10.18 -10.94
CA LYS A 15 -14.22 9.06 -10.77
C LYS A 15 -13.57 7.76 -11.24
N TYR A 16 -12.80 7.82 -12.32
CA TYR A 16 -12.05 6.66 -12.79
C TYR A 16 -10.98 6.25 -11.78
N CYS A 17 -10.25 7.21 -11.21
CA CYS A 17 -9.29 6.86 -10.17
C CYS A 17 -9.95 6.18 -9.00
N HIS A 18 -11.13 6.66 -8.62
CA HIS A 18 -11.92 6.05 -7.55
C HIS A 18 -12.25 4.60 -7.89
N LYS A 19 -12.70 4.35 -9.12
CA LYS A 19 -13.03 2.99 -9.56
C LYS A 19 -11.81 2.08 -9.37
N ILE A 20 -10.64 2.53 -9.79
CA ILE A 20 -9.43 1.73 -9.68
C ILE A 20 -9.13 1.40 -8.21
N MET A 21 -9.20 2.41 -7.35
CA MET A 21 -8.89 2.19 -5.94
C MET A 21 -9.89 1.23 -5.30
N LYS A 22 -11.18 1.42 -5.56
CA LYS A 22 -12.18 0.58 -4.92
C LYS A 22 -12.09 -0.86 -5.44
N LYS A 23 -11.77 -1.03 -6.72
CA LYS A 23 -11.64 -2.37 -7.28
C LYS A 23 -10.48 -3.09 -6.60
N HIS A 24 -9.38 -2.40 -6.36
CA HIS A 24 -8.17 -3.01 -5.84
C HIS A 24 -8.20 -3.21 -4.33
N SER A 25 -8.78 -2.27 -3.61
CA SER A 25 -8.78 -2.35 -2.15
C SER A 25 -10.11 -1.92 -1.58
N LYS A 26 -10.92 -2.89 -1.21
CA LYS A 26 -12.15 -2.58 -0.51
C LYS A 26 -11.85 -1.94 0.84
N SER A 27 -10.75 -2.34 1.48
CA SER A 27 -10.39 -1.79 2.78
C SER A 27 -10.06 -0.30 2.74
N PHE A 28 -9.15 0.05 1.84
CA PHE A 28 -8.71 1.43 1.79
C PHE A 28 -9.79 2.34 1.22
N SER A 29 -10.58 1.84 0.27
CA SER A 29 -11.70 2.63 -0.22
C SER A 29 -12.72 2.85 0.89
N TYR A 30 -13.06 1.81 1.65
CA TYR A 30 -14.06 1.94 2.71
C TYR A 30 -13.69 3.08 3.65
N ALA A 31 -12.43 3.12 4.07
CA ALA A 31 -11.99 4.14 5.02
C ALA A 31 -11.77 5.50 4.36
N PHE A 32 -10.97 5.54 3.30
CA PHE A 32 -10.56 6.83 2.75
C PHE A 32 -11.67 7.56 2.02
N ASP A 33 -12.70 6.84 1.59
CA ASP A 33 -13.86 7.50 0.99
C ASP A 33 -14.61 8.38 1.99
N LEU A 34 -14.33 8.24 3.28
CA LEU A 34 -14.95 9.07 4.31
C LEU A 34 -14.29 10.43 4.48
N LEU A 35 -13.13 10.65 3.85
CA LEU A 35 -12.47 11.95 3.96
C LEU A 35 -13.28 13.04 3.30
N PRO A 36 -13.04 14.32 3.68
CA PRO A 36 -13.62 15.43 2.93
C PRO A 36 -13.28 15.32 1.44
N GLU A 37 -14.17 15.82 0.59
CA GLU A 37 -14.13 15.60 -0.86
C GLU A 37 -12.76 15.87 -1.48
N ASP A 38 -12.15 17.01 -1.20
CA ASP A 38 -10.89 17.34 -1.86
C ASP A 38 -9.78 16.39 -1.45
N GLN A 39 -9.81 15.96 -0.19
CA GLN A 39 -8.80 15.01 0.30
C GLN A 39 -9.00 13.61 -0.26
N ARG A 40 -10.25 13.13 -0.27
CA ARG A 40 -10.49 11.80 -0.81
C ARG A 40 -10.12 11.75 -2.29
N LYS A 41 -10.41 12.80 -3.05
CA LYS A 41 -10.07 12.82 -4.47
C LYS A 41 -8.55 12.72 -4.65
N ALA A 42 -7.78 13.44 -3.84
CA ALA A 42 -6.32 13.33 -3.91
C ALA A 42 -5.86 11.91 -3.63
N VAL A 43 -6.41 11.29 -2.60
CA VAL A 43 -6.08 9.90 -2.29
C VAL A 43 -6.38 8.99 -3.48
N TRP A 44 -7.54 9.16 -4.09
CA TRP A 44 -7.88 8.32 -5.22
C TRP A 44 -6.84 8.42 -6.33
N ALA A 45 -6.43 9.66 -6.65
CA ALA A 45 -5.46 9.86 -7.73
C ALA A 45 -4.11 9.23 -7.39
N ILE A 46 -3.62 9.47 -6.18
CA ILE A 46 -2.33 8.92 -5.77
C ILE A 46 -2.38 7.40 -5.77
N TYR A 47 -3.45 6.85 -5.20
CA TYR A 47 -3.60 5.40 -5.17
C TYR A 47 -3.60 4.84 -6.60
N ALA A 48 -4.38 5.46 -7.48
CA ALA A 48 -4.51 4.95 -8.84
C ALA A 48 -3.17 4.97 -9.56
N VAL A 49 -2.37 6.02 -9.38
CA VAL A 49 -1.02 6.04 -9.99
C VAL A 49 -0.21 4.85 -9.48
N CYS A 50 -0.24 4.64 -8.17
CA CYS A 50 0.58 3.57 -7.60
C CYS A 50 0.08 2.19 -8.03
N ARG A 51 -1.25 2.03 -8.16
CA ARG A 51 -1.81 0.78 -8.64
C ARG A 51 -1.40 0.52 -10.09
N LYS A 52 -1.44 1.56 -10.91
CA LYS A 52 -1.02 1.44 -12.31
C LYS A 52 0.45 1.04 -12.40
N ILE A 53 1.29 1.62 -11.55
CA ILE A 53 2.69 1.25 -11.52
C ILE A 53 2.82 -0.23 -11.17
N ASP A 54 2.01 -0.69 -10.21
CA ASP A 54 2.13 -2.08 -9.74
C ASP A 54 1.91 -3.12 -10.83
N ASP A 55 1.02 -2.81 -11.77
CA ASP A 55 0.58 -3.65 -12.90
C ASP A 55 1.35 -3.41 -14.19
N SER A 56 2.24 -2.43 -14.18
CA SER A 56 2.73 -1.88 -15.44
C SER A 56 3.59 -2.79 -16.29
N ILE A 57 4.43 -3.61 -15.65
CA ILE A 57 5.33 -4.48 -16.40
C ILE A 57 4.54 -5.50 -17.22
N ASP A 58 3.42 -5.97 -16.69
CA ASP A 58 2.65 -7.00 -17.38
C ASP A 58 1.80 -6.52 -18.54
N VAL A 59 1.72 -5.21 -18.74
CA VAL A 59 0.94 -4.70 -19.88
C VAL A 59 1.49 -5.31 -21.18
N TYR A 60 2.79 -5.17 -21.41
CA TYR A 60 3.45 -5.74 -22.58
C TYR A 60 4.37 -6.88 -22.18
N GLY A 61 4.95 -6.81 -20.98
CA GLY A 61 5.94 -7.77 -20.50
C GLY A 61 7.30 -7.15 -20.24
N ASP A 62 7.43 -5.84 -20.40
CA ASP A 62 8.72 -5.15 -20.19
C ASP A 62 8.45 -3.78 -19.59
N ILE A 63 9.51 -3.00 -19.45
CA ILE A 63 9.40 -1.70 -18.81
C ILE A 63 8.71 -0.58 -19.59
N GLN A 64 8.24 -0.86 -20.80
CA GLN A 64 7.68 0.20 -21.67
C GLN A 64 6.66 1.07 -20.97
N PHE A 65 5.60 0.45 -20.46
CA PHE A 65 4.52 1.21 -19.90
C PHE A 65 4.99 1.92 -18.62
N LEU A 66 5.86 1.25 -17.86
CA LEU A 66 6.35 1.86 -16.62
C LEU A 66 7.19 3.10 -16.93
N ASN A 67 7.98 3.06 -18.00
CA ASN A 67 8.70 4.27 -18.38
C ASN A 67 7.79 5.40 -18.85
N GLN A 68 6.68 5.05 -19.49
CA GLN A 68 5.68 6.02 -19.92
C GLN A 68 5.08 6.67 -18.67
N ILE A 69 4.77 5.88 -17.66
CA ILE A 69 4.27 6.43 -16.41
C ILE A 69 5.31 7.37 -15.80
N LYS A 70 6.56 6.90 -15.72
CA LYS A 70 7.60 7.70 -15.10
C LYS A 70 7.77 9.05 -15.82
N GLU A 71 7.79 9.02 -17.14
CA GLU A 71 7.98 10.25 -17.88
C GLU A 71 6.79 11.20 -17.68
N ASP A 72 5.58 10.66 -17.56
CA ASP A 72 4.42 11.49 -17.25
C ASP A 72 4.57 12.17 -15.89
N ILE A 73 5.02 11.42 -14.89
CA ILE A 73 5.20 12.00 -13.56
C ILE A 73 6.29 13.07 -13.61
N GLN A 74 7.38 12.79 -14.34
CA GLN A 74 8.45 13.77 -14.48
C GLN A 74 7.96 15.06 -15.16
N SER A 75 7.06 14.94 -16.14
CA SER A 75 6.50 16.11 -16.82
C SER A 75 5.70 16.96 -15.83
N ILE A 76 4.93 16.30 -14.98
CA ILE A 76 4.15 17.01 -13.96
C ILE A 76 5.09 17.70 -12.98
N GLU A 77 6.13 17.00 -12.54
CA GLU A 77 7.08 17.61 -11.62
C GLU A 77 7.73 18.85 -12.22
N LYS A 78 8.18 18.75 -13.48
CA LYS A 78 8.94 19.83 -14.10
C LYS A 78 8.03 21.00 -14.51
N TYR A 79 6.84 20.67 -15.00
CA TYR A 79 5.92 21.64 -15.58
C TYR A 79 4.49 21.40 -15.08
N PRO A 80 4.25 21.65 -13.78
CA PRO A 80 2.92 21.27 -13.26
C PRO A 80 1.76 22.07 -13.86
N TYR A 81 2.03 23.26 -14.39
CA TYR A 81 0.99 24.15 -14.92
C TYR A 81 0.93 24.21 -16.43
N GLU A 82 1.62 23.29 -17.10
CA GLU A 82 1.58 23.16 -18.55
C GLU A 82 0.72 21.98 -19.02
N TYR A 83 0.08 22.06 -20.20
CA TYR A 83 -0.64 20.92 -20.82
C TYR A 83 0.36 19.90 -21.32
N HIS A 84 0.10 18.63 -20.98
CA HIS A 84 0.92 17.49 -21.41
C HIS A 84 0.14 16.48 -22.24
N HIS A 85 0.74 15.92 -23.30
CA HIS A 85 0.24 14.73 -24.00
C HIS A 85 0.81 13.61 -23.18
N PHE A 86 0.05 13.14 -22.20
CA PHE A 86 0.52 12.05 -21.37
C PHE A 86 0.66 10.76 -22.17
N GLN A 87 1.72 10.02 -21.87
CA GLN A 87 2.07 8.79 -22.58
C GLN A 87 1.43 7.54 -22.02
N SER A 88 0.97 7.61 -20.77
CA SER A 88 0.45 6.40 -20.12
C SER A 88 -1.07 6.49 -19.97
N ASP A 89 -1.59 6.44 -18.75
CA ASP A 89 -3.03 6.47 -18.51
C ASP A 89 -3.42 7.94 -18.36
N ARG A 90 -4.04 8.48 -19.40
CA ARG A 90 -4.26 9.90 -19.44
C ARG A 90 -5.17 10.42 -18.31
N ARG A 91 -6.24 9.69 -18.01
CA ARG A 91 -7.14 10.11 -16.94
C ARG A 91 -6.42 10.18 -15.59
N ILE A 92 -5.61 9.17 -15.29
CA ILE A 92 -4.92 9.19 -13.99
C ILE A 92 -3.96 10.38 -13.93
N MET A 93 -3.22 10.60 -15.01
CA MET A 93 -2.19 11.64 -14.97
C MET A 93 -2.81 13.04 -14.94
N MET A 94 -3.93 13.22 -15.61
CA MET A 94 -4.63 14.49 -15.48
C MET A 94 -5.07 14.77 -14.05
N ALA A 95 -5.55 13.73 -13.38
CA ALA A 95 -5.97 13.87 -11.98
C ALA A 95 -4.76 14.11 -11.09
N LEU A 96 -3.68 13.37 -11.30
CA LEU A 96 -2.49 13.62 -10.49
C LEU A 96 -1.96 15.03 -10.67
N GLN A 97 -1.97 15.49 -11.93
CA GLN A 97 -1.52 16.85 -12.21
C GLN A 97 -2.38 17.86 -11.47
N HIS A 98 -3.69 17.64 -11.45
CA HIS A 98 -4.60 18.53 -10.74
C HIS A 98 -4.24 18.55 -9.25
N VAL A 99 -3.97 17.38 -8.67
CA VAL A 99 -3.54 17.32 -7.27
C VAL A 99 -2.23 18.10 -7.07
N ALA A 100 -1.25 17.89 -7.95
CA ALA A 100 0.05 18.53 -7.81
C ALA A 100 -0.05 20.06 -7.89
N GLN A 101 -1.08 20.58 -8.55
CA GLN A 101 -1.29 22.03 -8.62
C GLN A 101 -1.79 22.60 -7.29
N HIS A 102 -2.29 21.73 -6.44
CA HIS A 102 -2.93 22.15 -5.18
C HIS A 102 -2.16 21.74 -3.93
N LYS A 103 -1.35 20.68 -4.06
CA LYS A 103 -0.65 20.12 -2.92
C LYS A 103 0.78 19.75 -3.31
N ASN A 104 1.66 19.75 -2.30
CA ASN A 104 3.02 19.31 -2.52
C ASN A 104 3.08 17.79 -2.64
N ILE A 105 3.63 17.38 -3.77
CA ILE A 105 3.82 15.95 -4.05
C ILE A 105 5.29 15.61 -3.84
N ALA A 106 5.59 14.56 -3.07
CA ALA A 106 6.98 14.09 -2.90
C ALA A 106 7.35 13.23 -4.11
N PHE A 107 7.78 13.89 -5.19
CA PHE A 107 8.03 13.15 -6.42
C PHE A 107 9.08 12.06 -6.29
N GLN A 108 10.11 12.29 -5.47
CA GLN A 108 11.13 11.27 -5.31
C GLN A 108 10.57 9.96 -4.77
N SER A 109 9.48 10.05 -3.99
CA SER A 109 8.86 8.83 -3.47
C SER A 109 8.22 8.03 -4.61
N PHE A 110 7.59 8.69 -5.57
CA PHE A 110 7.14 7.98 -6.77
C PHE A 110 8.32 7.34 -7.48
N TYR A 111 9.45 8.04 -7.62
CA TYR A 111 10.60 7.49 -8.32
C TYR A 111 11.18 6.29 -7.57
N ASN A 112 11.16 6.33 -6.24
CA ASN A 112 11.61 5.19 -5.46
C ASN A 112 10.70 3.98 -5.67
N LEU A 113 9.39 4.22 -5.71
CA LEU A 113 8.42 3.16 -6.00
C LEU A 113 8.69 2.55 -7.38
N ILE A 114 8.86 3.41 -8.38
CA ILE A 114 9.09 2.94 -9.75
C ILE A 114 10.37 2.12 -9.80
N ASP A 115 11.41 2.59 -9.13
CA ASP A 115 12.67 1.85 -9.12
C ASP A 115 12.49 0.48 -8.49
N THR A 116 11.70 0.41 -7.43
CA THR A 116 11.46 -0.84 -6.75
C THR A 116 10.76 -1.84 -7.68
N VAL A 117 9.78 -1.36 -8.44
CA VAL A 117 9.05 -2.21 -9.39
C VAL A 117 9.96 -2.66 -10.52
N TYR A 118 10.81 -1.77 -11.02
CA TYR A 118 11.78 -2.13 -12.03
C TYR A 118 12.69 -3.26 -11.53
N LYS A 119 13.19 -3.12 -10.28
CA LYS A 119 14.13 -4.08 -9.74
C LYS A 119 13.49 -5.43 -9.49
N ASP A 120 12.19 -5.42 -9.25
CA ASP A 120 11.48 -6.64 -9.00
C ASP A 120 11.46 -7.57 -10.22
N GLN A 121 11.70 -7.02 -11.41
CA GLN A 121 11.91 -7.87 -12.59
C GLN A 121 12.99 -8.92 -12.35
N HIS A 122 13.97 -8.57 -11.52
CA HIS A 122 15.15 -9.38 -11.27
C HIS A 122 15.11 -9.97 -9.88
N PHE A 123 13.90 -10.20 -9.40
CA PHE A 123 13.70 -10.68 -8.05
C PHE A 123 14.57 -11.87 -7.70
N THR A 124 15.21 -11.73 -6.54
CA THR A 124 15.88 -12.80 -5.85
C THR A 124 15.38 -12.71 -4.42
N MET A 125 15.27 -13.88 -3.79
CA MET A 125 14.84 -13.87 -2.42
C MET A 125 15.74 -12.99 -1.55
N PHE A 126 15.12 -12.34 -0.58
CA PHE A 126 15.85 -11.46 0.32
C PHE A 126 16.72 -12.30 1.25
N GLU A 127 17.97 -11.91 1.40
CA GLU A 127 18.84 -12.65 2.30
C GLU A 127 18.49 -12.34 3.76
N THR A 128 18.14 -11.09 4.04
CA THR A 128 17.93 -10.62 5.40
C THR A 128 16.62 -9.86 5.52
N ASP A 129 16.14 -9.74 6.75
CA ASP A 129 14.97 -8.93 7.02
C ASP A 129 15.20 -7.47 6.63
N ALA A 130 16.43 -6.96 6.74
CA ALA A 130 16.67 -5.59 6.33
C ALA A 130 16.29 -5.38 4.86
N GLU A 131 16.56 -6.37 4.01
CA GLU A 131 16.21 -6.27 2.60
C GLU A 131 14.69 -6.33 2.43
N LEU A 132 14.03 -7.17 3.20
CA LEU A 132 12.57 -7.22 3.21
C LEU A 132 11.98 -5.85 3.59
N PHE A 133 12.52 -5.24 4.64
CA PHE A 133 11.97 -3.97 5.08
C PHE A 133 12.28 -2.87 4.04
N GLY A 134 13.41 -2.98 3.36
CA GLY A 134 13.71 -2.04 2.28
C GLY A 134 12.71 -2.17 1.15
N TYR A 135 12.29 -3.38 0.82
CA TYR A 135 11.25 -3.60 -0.16
C TYR A 135 9.91 -3.02 0.31
N CYS A 136 9.58 -3.23 1.59
CA CYS A 136 8.35 -2.65 2.13
C CYS A 136 8.37 -1.13 2.02
N TYR A 137 9.53 -0.51 2.28
CA TYR A 137 9.66 0.92 2.06
C TYR A 137 9.35 1.24 0.59
N GLY A 138 10.03 0.54 -0.31
CA GLY A 138 9.93 0.86 -1.72
C GLY A 138 8.52 0.77 -2.27
N VAL A 139 7.74 -0.24 -1.87
CA VAL A 139 6.41 -0.40 -2.45
C VAL A 139 5.29 0.20 -1.63
N ALA A 140 5.55 0.59 -0.39
CA ALA A 140 4.47 1.02 0.50
C ALA A 140 4.84 2.21 1.36
N GLY A 141 6.04 2.23 1.93
CA GLY A 141 6.48 3.42 2.64
C GLY A 141 6.47 4.65 1.74
N THR A 142 6.84 4.46 0.47
CA THR A 142 6.82 5.51 -0.54
C THR A 142 5.41 6.08 -0.69
N VAL A 143 4.41 5.21 -0.75
CA VAL A 143 3.03 5.65 -0.90
C VAL A 143 2.63 6.49 0.32
N GLY A 144 3.02 6.04 1.51
CA GLY A 144 2.76 6.83 2.70
C GLY A 144 3.39 8.22 2.64
N GLU A 145 4.61 8.30 2.12
CA GLU A 145 5.25 9.60 1.95
C GLU A 145 4.46 10.49 1.00
N VAL A 146 3.99 9.94 -0.13
CA VAL A 146 3.24 10.76 -1.09
C VAL A 146 1.94 11.24 -0.43
N LEU A 147 1.29 10.40 0.35
CA LEU A 147 0.02 10.78 1.01
C LEU A 147 0.18 11.79 2.14
N THR A 148 1.40 11.93 2.66
CA THR A 148 1.60 12.71 3.89
C THR A 148 1.01 14.13 3.81
N PRO A 149 1.31 14.93 2.76
CA PRO A 149 0.72 16.28 2.70
C PRO A 149 -0.80 16.33 2.54
N ILE A 150 -1.41 15.28 2.00
CA ILE A 150 -2.84 15.23 1.87
C ILE A 150 -3.50 15.07 3.23
N LEU A 151 -2.82 14.33 4.12
CA LEU A 151 -3.43 13.88 5.35
C LEU A 151 -2.93 14.63 6.58
N SER A 152 -2.16 15.69 6.37
CA SER A 152 -1.68 16.52 7.46
C SER A 152 -1.78 17.98 7.07
N ASP A 153 -1.75 18.83 8.10
CA ASP A 153 -1.83 20.28 7.94
C ASP A 153 -0.46 20.94 7.84
N HIS A 154 0.50 20.38 8.58
CA HIS A 154 1.80 21.02 8.80
C HIS A 154 2.86 19.93 8.91
N GLU A 155 3.26 19.32 7.81
CA GLU A 155 4.08 18.12 7.95
C GLU A 155 5.49 18.41 8.46
N THR A 156 5.97 17.47 9.24
CA THR A 156 7.32 17.53 9.82
C THR A 156 7.99 16.21 9.48
N HIS A 157 9.23 16.07 9.88
CA HIS A 157 9.92 14.80 9.71
C HIS A 157 9.14 13.67 10.36
N GLN A 158 8.44 13.95 11.46
CA GLN A 158 7.69 12.89 12.15
C GLN A 158 6.52 12.40 11.33
N THR A 159 5.84 13.32 10.65
CA THR A 159 4.68 12.91 9.85
C THR A 159 5.11 11.89 8.80
N TYR A 160 6.22 12.18 8.13
CA TYR A 160 6.74 11.25 7.12
C TYR A 160 7.23 9.95 7.74
N ASP A 161 7.86 10.00 8.92
CA ASP A 161 8.30 8.78 9.61
C ASP A 161 7.09 7.90 9.90
N VAL A 162 6.03 8.51 10.42
CA VAL A 162 4.85 7.75 10.83
C VAL A 162 4.15 7.16 9.59
N ALA A 163 4.07 7.93 8.51
CA ALA A 163 3.45 7.46 7.27
C ALA A 163 4.23 6.30 6.68
N ARG A 164 5.56 6.38 6.69
CA ARG A 164 6.42 5.28 6.22
C ARG A 164 6.15 4.06 7.05
N ARG A 165 6.11 4.23 8.36
CA ARG A 165 5.92 3.11 9.24
C ARG A 165 4.57 2.45 9.02
N LEU A 166 3.53 3.25 8.82
CA LEU A 166 2.24 2.65 8.52
C LEU A 166 2.29 1.90 7.20
N GLY A 167 2.90 2.50 6.18
CA GLY A 167 3.01 1.81 4.90
C GLY A 167 3.70 0.47 5.04
N GLU A 168 4.76 0.44 5.84
CA GLU A 168 5.44 -0.80 6.04
C GLU A 168 4.60 -1.88 6.77
N SER A 169 3.80 -1.47 7.76
CA SER A 169 2.85 -2.35 8.43
C SER A 169 1.90 -2.92 7.41
N LEU A 170 1.33 -2.05 6.57
CA LEU A 170 0.34 -2.49 5.60
C LEU A 170 0.95 -3.46 4.62
N GLN A 171 2.19 -3.22 4.18
CA GLN A 171 2.80 -4.17 3.24
C GLN A 171 3.10 -5.50 3.91
N LEU A 172 3.56 -5.47 5.16
CA LEU A 172 3.78 -6.73 5.86
C LEU A 172 2.49 -7.51 6.02
N ILE A 173 1.39 -6.82 6.30
CA ILE A 173 0.09 -7.49 6.37
C ILE A 173 -0.29 -8.12 5.02
N ASN A 174 -0.08 -7.39 3.93
CA ASN A 174 -0.30 -7.94 2.59
C ASN A 174 0.51 -9.23 2.39
N ILE A 175 1.80 -9.18 2.74
CA ILE A 175 2.68 -10.33 2.61
C ILE A 175 2.13 -11.51 3.42
N LEU A 176 1.73 -11.23 4.66
CA LEU A 176 1.22 -12.27 5.55
C LEU A 176 -0.11 -12.87 5.10
N ARG A 177 -0.92 -12.09 4.38
CA ARG A 177 -2.15 -12.60 3.79
C ARG A 177 -1.89 -13.45 2.55
N ASP A 178 -0.83 -13.09 1.80
CA ASP A 178 -0.71 -13.59 0.43
C ASP A 178 0.41 -14.60 0.23
N VAL A 179 0.87 -15.25 1.30
CA VAL A 179 1.99 -16.16 1.19
C VAL A 179 1.76 -17.20 0.08
N GLY A 180 0.60 -17.84 0.06
CA GLY A 180 0.34 -18.87 -0.95
C GLY A 180 0.26 -18.33 -2.37
N GLU A 181 -0.51 -17.27 -2.57
CA GLU A 181 -0.64 -16.69 -3.90
C GLU A 181 0.70 -16.18 -4.41
N ASP A 182 1.47 -15.53 -3.53
CA ASP A 182 2.80 -15.05 -3.92
C ASP A 182 3.70 -16.21 -4.28
N PHE A 183 3.65 -17.31 -3.51
CA PHE A 183 4.45 -18.48 -3.87
C PHE A 183 4.08 -19.01 -5.26
N GLU A 184 2.80 -19.10 -5.57
CA GLU A 184 2.36 -19.50 -6.92
C GLU A 184 2.99 -18.62 -7.97
N ASN A 185 3.13 -17.35 -7.63
CA ASN A 185 3.69 -16.36 -8.54
C ASN A 185 5.21 -16.19 -8.41
N GLU A 186 5.87 -17.18 -7.84
CA GLU A 186 7.34 -17.23 -7.82
C GLU A 186 7.94 -16.14 -6.92
N ARG A 187 7.22 -15.80 -5.87
CA ARG A 187 7.69 -14.81 -4.90
C ARG A 187 7.56 -15.33 -3.49
N ILE A 188 8.65 -15.24 -2.73
CA ILE A 188 8.64 -15.48 -1.29
C ILE A 188 9.29 -14.23 -0.70
N TYR A 189 8.60 -13.59 0.24
CA TYR A 189 9.10 -12.33 0.80
C TYR A 189 9.73 -12.50 2.18
N PHE A 190 9.47 -13.61 2.85
CA PHE A 190 10.20 -13.89 4.09
C PHE A 190 11.68 -14.03 3.76
N SER A 191 12.56 -13.58 4.66
CA SER A 191 13.98 -13.60 4.33
C SER A 191 14.57 -15.01 4.47
N LYS A 192 15.62 -15.26 3.70
CA LYS A 192 16.32 -16.53 3.80
C LYS A 192 16.86 -16.76 5.21
N GLN A 193 17.32 -15.70 5.87
CA GLN A 193 17.86 -15.86 7.21
C GLN A 193 16.77 -16.36 8.16
N ARG A 194 15.58 -15.77 8.06
CA ARG A 194 14.53 -16.11 9.01
C ARG A 194 13.92 -17.48 8.66
N LEU A 195 13.78 -17.77 7.37
CA LEU A 195 13.34 -19.09 6.95
C LEU A 195 14.27 -20.18 7.47
N LYS A 196 15.58 -19.93 7.40
CA LYS A 196 16.55 -20.91 7.91
C LYS A 196 16.43 -21.05 9.42
N GLN A 197 16.32 -19.92 10.11
CA GLN A 197 16.25 -19.94 11.56
C GLN A 197 15.05 -20.73 12.08
N TYR A 198 13.92 -20.55 11.42
CA TYR A 198 12.67 -21.21 11.83
C TYR A 198 12.44 -22.56 11.17
N GLU A 199 13.38 -22.97 10.30
CA GLU A 199 13.33 -24.25 9.59
C GLU A 199 12.07 -24.39 8.76
N VAL A 200 11.85 -23.41 7.90
CA VAL A 200 10.65 -23.32 7.08
C VAL A 200 11.02 -23.31 5.61
N ASP A 201 10.34 -24.13 4.82
CA ASP A 201 10.46 -24.17 3.36
C ASP A 201 9.06 -23.89 2.81
N ILE A 202 8.85 -22.73 2.20
CA ILE A 202 7.51 -22.36 1.74
C ILE A 202 6.96 -23.34 0.72
N ALA A 203 7.78 -23.86 -0.19
CA ALA A 203 7.27 -24.84 -1.15
C ALA A 203 6.72 -26.07 -0.42
N GLU A 204 7.43 -26.49 0.63
CA GLU A 204 7.05 -27.66 1.40
C GLU A 204 5.74 -27.39 2.16
N VAL A 205 5.59 -26.18 2.70
CA VAL A 205 4.37 -25.80 3.39
C VAL A 205 3.20 -25.67 2.42
N TYR A 206 3.45 -25.13 1.24
CA TYR A 206 2.41 -25.04 0.22
C TYR A 206 1.88 -26.43 -0.13
N GLN A 207 2.77 -27.41 -0.19
CA GLN A 207 2.35 -28.78 -0.45
C GLN A 207 1.66 -29.47 0.72
N ASN A 208 2.20 -29.30 1.92
CA ASN A 208 1.84 -30.17 3.04
C ASN A 208 1.02 -29.52 4.14
N GLY A 209 0.85 -28.21 4.06
CA GLY A 209 0.07 -27.50 5.05
C GLY A 209 0.95 -26.90 6.13
N VAL A 210 0.33 -26.13 7.01
CA VAL A 210 1.12 -25.45 8.02
C VAL A 210 1.68 -26.45 9.05
N ASN A 211 2.68 -26.00 9.78
CA ASN A 211 3.18 -26.71 10.95
C ASN A 211 3.60 -25.65 11.95
N ASN A 212 4.01 -26.05 13.15
CA ASN A 212 4.36 -25.10 14.17
C ASN A 212 5.53 -24.20 13.78
N HIS A 213 6.48 -24.72 13.00
CA HIS A 213 7.62 -23.91 12.56
C HIS A 213 7.14 -22.75 11.69
N TYR A 214 6.28 -23.07 10.73
CA TYR A 214 5.69 -22.06 9.85
C TYR A 214 4.86 -21.05 10.67
N ILE A 215 4.03 -21.54 11.58
CA ILE A 215 3.21 -20.63 12.37
C ILE A 215 4.10 -19.69 13.17
N ASP A 216 5.17 -20.21 13.77
CA ASP A 216 6.07 -19.38 14.55
C ASP A 216 6.73 -18.32 13.67
N LEU A 217 7.10 -18.69 12.45
CA LEU A 217 7.72 -17.71 11.55
C LEU A 217 6.70 -16.63 11.15
N TRP A 218 5.50 -17.05 10.76
CA TRP A 218 4.45 -16.14 10.38
C TRP A 218 4.17 -15.16 11.53
N GLU A 219 4.07 -15.71 12.75
CA GLU A 219 3.80 -14.90 13.94
C GLU A 219 4.96 -13.95 14.27
N TYR A 220 6.19 -14.34 13.96
CA TYR A 220 7.33 -13.46 14.15
C TYR A 220 7.11 -12.16 13.35
N TYR A 221 6.75 -12.30 12.08
CA TYR A 221 6.49 -11.14 11.22
C TYR A 221 5.20 -10.43 11.62
N ALA A 222 4.17 -11.17 12.00
CA ALA A 222 2.93 -10.52 12.42
C ALA A 222 3.16 -9.60 13.61
N ALA A 223 4.03 -10.02 14.53
CA ALA A 223 4.32 -9.20 15.70
C ALA A 223 4.96 -7.88 15.32
N ILE A 224 5.80 -7.90 14.27
CA ILE A 224 6.41 -6.68 13.74
C ILE A 224 5.34 -5.78 13.15
N ALA A 225 4.44 -6.34 12.35
CA ALA A 225 3.37 -5.54 11.74
C ALA A 225 2.49 -4.92 12.82
N GLU A 226 2.25 -5.68 13.88
CA GLU A 226 1.40 -5.20 14.98
C GLU A 226 2.07 -4.09 15.78
N LYS A 227 3.36 -4.26 16.06
CA LYS A 227 4.11 -3.20 16.74
C LYS A 227 4.16 -1.93 15.87
N ASP A 228 4.40 -2.08 14.57
CA ASP A 228 4.39 -0.94 13.63
C ASP A 228 3.04 -0.21 13.76
N PHE A 229 1.96 -0.98 13.71
CA PHE A 229 0.60 -0.45 13.85
C PHE A 229 0.42 0.32 15.15
N ARG A 230 0.87 -0.25 16.26
CA ARG A 230 0.70 0.43 17.54
C ARG A 230 1.51 1.72 17.60
N ASP A 231 2.71 1.71 17.00
CA ASP A 231 3.55 2.91 16.95
C ASP A 231 2.79 4.03 16.22
N VAL A 232 2.16 3.70 15.11
CA VAL A 232 1.41 4.65 14.31
C VAL A 232 0.20 5.16 15.09
N MET A 233 -0.56 4.28 15.71
CA MET A 233 -1.73 4.71 16.47
C MET A 233 -1.31 5.67 17.59
N ASP A 234 -0.19 5.38 18.24
CA ASP A 234 0.32 6.21 19.32
C ASP A 234 0.70 7.61 18.85
N GLN A 235 1.08 7.71 17.58
CA GLN A 235 1.58 8.96 16.97
C GLN A 235 0.58 9.56 15.97
N ILE A 236 -0.69 9.21 16.11
CA ILE A 236 -1.69 9.56 15.10
C ILE A 236 -1.92 11.07 15.02
N LYS A 237 -1.57 11.80 16.07
CA LYS A 237 -1.77 13.25 16.08
C LYS A 237 -0.91 14.03 15.09
N VAL A 238 -0.01 13.35 14.37
CA VAL A 238 0.69 13.98 13.26
C VAL A 238 -0.25 14.28 12.11
N PHE A 239 -1.40 13.61 12.06
CA PHE A 239 -2.32 13.78 10.95
C PHE A 239 -3.40 14.81 11.28
N SER A 240 -4.06 15.33 10.25
CA SER A 240 -5.12 16.30 10.48
C SER A 240 -6.24 15.70 11.31
N ILE A 241 -6.98 16.55 12.02
CA ILE A 241 -8.05 16.05 12.87
C ILE A 241 -9.10 15.23 12.09
N GLU A 242 -9.43 15.67 10.87
CA GLU A 242 -10.40 14.93 10.06
C GLU A 242 -9.84 13.58 9.60
N ALA A 243 -8.55 13.52 9.33
CA ALA A 243 -7.93 12.30 8.80
C ALA A 243 -7.69 11.27 9.91
N GLN A 244 -7.49 11.70 11.15
CA GLN A 244 -7.11 10.75 12.21
C GLN A 244 -8.03 9.54 12.35
N PRO A 245 -9.36 9.75 12.48
CA PRO A 245 -10.19 8.55 12.63
C PRO A 245 -10.25 7.69 11.37
N ILE A 246 -10.08 8.31 10.21
CA ILE A 246 -10.07 7.60 8.92
C ILE A 246 -8.83 6.73 8.81
N ILE A 247 -7.68 7.28 9.22
CA ILE A 247 -6.44 6.53 9.20
C ILE A 247 -6.50 5.40 10.21
N GLU A 248 -7.00 5.68 11.42
CA GLU A 248 -7.18 4.60 12.40
C GLU A 248 -8.06 3.50 11.84
N LEU A 249 -9.15 3.87 11.18
CA LEU A 249 -10.06 2.90 10.58
C LEU A 249 -9.37 2.07 9.50
N ALA A 250 -8.67 2.74 8.59
CA ALA A 250 -7.97 2.02 7.53
C ALA A 250 -6.98 1.02 8.12
N ALA A 251 -6.18 1.47 9.07
CA ALA A 251 -5.17 0.62 9.69
C ALA A 251 -5.81 -0.52 10.46
N ARG A 252 -6.89 -0.26 11.20
CA ARG A 252 -7.55 -1.32 11.96
C ARG A 252 -8.22 -2.34 11.04
N ILE A 253 -8.84 -1.88 9.96
CA ILE A 253 -9.46 -2.79 9.00
C ILE A 253 -8.39 -3.69 8.39
N TYR A 254 -7.27 -3.08 8.04
CA TYR A 254 -6.24 -3.85 7.35
C TYR A 254 -5.60 -4.84 8.32
N ILE A 255 -5.30 -4.41 9.54
CA ILE A 255 -4.66 -5.31 10.47
C ILE A 255 -5.56 -6.45 10.96
N GLU A 256 -6.88 -6.26 10.90
CA GLU A 256 -7.84 -7.33 11.15
C GLU A 256 -7.60 -8.55 10.23
N ILE A 257 -6.98 -8.33 9.07
CA ILE A 257 -6.60 -9.44 8.19
C ILE A 257 -5.76 -10.47 8.96
N LEU A 258 -4.89 -10.02 9.87
CA LEU A 258 -4.06 -10.99 10.58
C LEU A 258 -4.89 -11.99 11.37
N ASP A 259 -5.92 -11.50 12.07
CA ASP A 259 -6.82 -12.41 12.76
C ASP A 259 -7.60 -13.29 11.80
N GLU A 260 -7.93 -12.78 10.62
CA GLU A 260 -8.59 -13.60 9.62
C GLU A 260 -7.68 -14.74 9.15
N VAL A 261 -6.39 -14.46 8.99
CA VAL A 261 -5.43 -15.52 8.63
C VAL A 261 -5.39 -16.59 9.72
N ARG A 262 -5.27 -16.14 10.97
CA ARG A 262 -5.26 -17.07 12.08
C ARG A 262 -6.53 -17.93 12.14
N GLN A 263 -7.68 -17.29 11.96
CA GLN A 263 -8.97 -17.99 11.99
C GLN A 263 -9.05 -19.06 10.90
N ALA A 264 -8.41 -18.80 9.77
CA ALA A 264 -8.35 -19.72 8.64
C ALA A 264 -7.16 -20.68 8.72
N ASN A 265 -6.56 -20.78 9.90
CA ASN A 265 -5.48 -21.72 10.12
C ASN A 265 -4.30 -21.47 9.18
N TYR A 266 -4.06 -20.20 8.89
CA TYR A 266 -2.88 -19.77 8.16
C TYR A 266 -2.82 -20.38 6.75
N THR A 267 -3.98 -20.63 6.16
CA THR A 267 -4.03 -21.31 4.87
C THR A 267 -3.21 -20.63 3.77
N LEU A 268 -2.50 -21.45 3.01
CA LEU A 268 -1.79 -20.99 1.82
C LEU A 268 -2.65 -21.12 0.56
N HIS A 269 -3.94 -21.44 0.70
CA HIS A 269 -4.74 -21.83 -0.47
C HIS A 269 -6.01 -21.03 -0.63
N GLU A 270 -6.17 -19.96 0.13
CA GLU A 270 -7.23 -18.99 -0.13
C GLU A 270 -6.79 -17.63 0.38
N ARG A 271 -7.38 -16.58 -0.18
CA ARG A 271 -7.16 -15.22 0.29
C ARG A 271 -8.23 -14.87 1.31
N VAL A 272 -7.82 -14.65 2.55
CA VAL A 272 -8.76 -14.31 3.59
C VAL A 272 -9.15 -12.85 3.46
N PHE A 273 -10.22 -12.47 4.14
CA PHE A 273 -10.72 -11.12 4.04
C PHE A 273 -11.54 -10.75 5.26
N VAL A 274 -11.68 -9.44 5.41
CA VAL A 274 -12.50 -8.85 6.44
C VAL A 274 -13.78 -8.40 5.76
N GLU A 275 -14.88 -9.08 6.04
CA GLU A 275 -16.12 -8.75 5.34
C GLU A 275 -16.60 -7.34 5.67
N LYS A 276 -17.42 -6.81 4.77
CA LYS A 276 -17.93 -5.44 4.90
C LYS A 276 -18.56 -5.20 6.27
N ARG A 277 -19.37 -6.15 6.77
CA ARG A 277 -20.06 -5.96 8.03
C ARG A 277 -19.07 -5.79 9.20
N LYS A 278 -17.91 -6.44 9.07
CA LYS A 278 -16.86 -6.29 10.08
C LYS A 278 -16.12 -4.94 9.97
N LYS A 279 -15.94 -4.46 8.74
CA LYS A 279 -15.42 -3.12 8.53
C LYS A 279 -16.32 -2.10 9.21
N ALA A 280 -17.63 -2.30 9.09
CA ALA A 280 -18.59 -1.38 9.70
C ALA A 280 -18.51 -1.42 11.22
N LYS A 281 -18.34 -2.61 11.79
CA LYS A 281 -18.18 -2.73 13.24
C LYS A 281 -16.97 -1.92 13.69
N LEU A 282 -15.86 -2.02 12.96
CA LEU A 282 -14.68 -1.23 13.30
C LEU A 282 -14.96 0.27 13.16
N PHE A 283 -15.68 0.68 12.13
CA PHE A 283 -16.08 2.09 11.99
C PHE A 283 -16.83 2.54 13.26
N HIS A 284 -17.78 1.75 13.73
CA HIS A 284 -18.58 2.16 14.87
C HIS A 284 -17.70 2.28 16.11
N GLU A 285 -16.80 1.32 16.30
CA GLU A 285 -15.90 1.38 17.46
C GLU A 285 -15.00 2.62 17.47
N ILE A 286 -14.45 2.98 16.31
CA ILE A 286 -13.58 4.14 16.18
C ILE A 286 -14.36 5.45 16.19
N ASN A 287 -15.47 5.49 15.46
CA ASN A 287 -16.32 6.67 15.38
C ASN A 287 -16.86 7.05 16.76
N SER A 288 -17.15 6.05 17.60
CA SER A 288 -17.60 6.28 18.97
C SER A 288 -16.47 6.88 19.82
N LYS A 289 -15.26 6.44 19.55
CA LYS A 289 -14.05 6.91 20.23
C LYS A 289 -13.78 8.39 19.94
N TYR A 290 -14.00 8.79 18.69
CA TYR A 290 -13.82 10.18 18.27
C TYR A 290 -15.14 10.93 18.39
#